data_1K4Y
#
_entry.id   1K4Y
#
_cell.length_a   110.230
_cell.length_b   110.230
_cell.length_c   282.520
_cell.angle_alpha   90.00
_cell.angle_beta   90.00
_cell.angle_gamma   120.00
#
_symmetry.space_group_name_H-M   'H 3 2'
#
loop_
_entity.id
_entity.type
_entity.pdbx_description
1 polymer 'LIVER CARBOXYLESTERASE'
2 branched 2-acetamido-2-deoxy-beta-D-glucopyranose-(1-4)-2-acetamido-2-deoxy-beta-D-glucopyranose
3 branched alpha-D-mannopyranose-(1-3)-alpha-D-mannopyranose-(1-3)-alpha-D-mannopyranose-(1-4)-2-acetamido-2-deoxy-beta-D-glucopyranose-(1-4)-2-acetamido-2-deoxy-beta-D-glucopyranose
4 non-polymer 4-PIPERIDINO-PIPERIDINE
5 water water
#
_entity_poly.entity_id   1
_entity_poly.type   'polypeptide(L)'
_entity_poly.pdbx_seq_one_letter_code
;PPVVDTVHGKVLGKFVSLEGFAQPVAVFLGVPFAKPPLGSLRFAPPQPAESWSHVKNTTSYPPMCSQDAVSGHMLSELFT
NRKENIPLKFSEDCLYLNIYTPADLTKRGRLPVMVWIHGGGLMVGGASTYDGLALSAHENVVVVTIQYRLGIWGFFSTGD
EHSRGNWGHLDQVAALRWVQDNIANFGGDPGSVTIFGESAGGQSVSILLLSPLTKNLFHRAISESGVALLSSLFRKNTKS
LAEKIAIEAGCKTTTSAVMVHCLRQKTEEELMEVTLKMKFMALDLVGDPKENTAFLTTVIDGVLLPKAPAEILAEKKYNM
LPYMVGINQQEFGWIIPMQMLGYPLSEGKLDQKTATELLWKSYPIVNVSKELTPVATEKYLGGTDDPVKKKDLFLDMLAD
LLFGVPSVNVARHHRDAGAPTYMYEYRYRPSFSSDMRPKTVIGDHGDEIFSVLGAPFLKEGATEEEIKLSKMVMKYWANF
ARNGNPNGEGLPQWPAYDYKEGYLQIGATTQAAQKLKDKEVAFWTELWAKEAAR
;
_entity_poly.pdbx_strand_id   A
#
# COMPACT_ATOMS: atom_id res chain seq x y z
N PRO A 1 24.64 20.63 -8.96
CA PRO A 1 24.22 19.23 -9.17
C PRO A 1 24.71 18.39 -7.99
N PRO A 2 23.79 17.82 -7.21
CA PRO A 2 24.15 17.00 -6.05
C PRO A 2 24.62 15.57 -6.35
N VAL A 3 25.81 15.26 -5.85
CA VAL A 3 26.42 13.94 -5.99
C VAL A 3 26.55 13.40 -4.57
N VAL A 4 25.85 12.31 -4.29
CA VAL A 4 25.88 11.71 -2.96
C VAL A 4 26.45 10.29 -2.97
N ASP A 5 27.11 9.91 -1.89
CA ASP A 5 27.70 8.59 -1.77
C ASP A 5 26.70 7.59 -1.21
N THR A 6 26.84 6.34 -1.64
CA THR A 6 25.96 5.29 -1.15
C THR A 6 26.89 4.11 -0.95
N VAL A 7 26.43 3.11 -0.21
CA VAL A 7 27.24 1.93 0.02
C VAL A 7 27.79 1.37 -1.30
N HIS A 8 26.96 1.35 -2.34
CA HIS A 8 27.37 0.78 -3.61
C HIS A 8 28.00 1.67 -4.65
N GLY A 9 27.91 2.97 -4.48
CA GLY A 9 28.52 3.84 -5.46
C GLY A 9 27.85 5.19 -5.39
N LYS A 10 28.41 6.16 -6.09
CA LYS A 10 27.86 7.50 -6.10
C LYS A 10 26.68 7.67 -7.06
N VAL A 11 25.73 8.53 -6.67
CA VAL A 11 24.58 8.83 -7.52
C VAL A 11 24.51 10.34 -7.74
N LEU A 12 24.09 10.73 -8.94
CA LEU A 12 23.98 12.13 -9.32
C LEU A 12 22.51 12.51 -9.46
N GLY A 13 22.04 13.37 -8.57
CA GLY A 13 20.65 13.79 -8.63
C GLY A 13 20.53 15.17 -9.22
N LYS A 14 19.53 15.93 -8.78
CA LYS A 14 19.35 17.29 -9.32
C LYS A 14 18.58 18.17 -8.35
N PHE A 15 18.81 19.46 -8.43
CA PHE A 15 18.08 20.38 -7.57
C PHE A 15 16.81 20.83 -8.27
N VAL A 16 15.76 20.96 -7.46
CA VAL A 16 14.46 21.42 -7.93
C VAL A 16 14.00 22.45 -6.91
N SER A 17 13.63 23.62 -7.40
CA SER A 17 13.16 24.67 -6.50
C SER A 17 11.66 24.73 -6.55
N LEU A 18 11.04 24.74 -5.37
CA LEU A 18 9.60 24.81 -5.27
C LEU A 18 9.23 26.23 -4.86
N GLU A 19 8.57 26.96 -5.77
CA GLU A 19 8.16 28.32 -5.50
C GLU A 19 7.54 28.43 -4.12
N GLY A 20 8.08 29.34 -3.33
CA GLY A 20 7.59 29.54 -1.99
C GLY A 20 8.61 29.04 -0.98
N PHE A 21 9.68 28.42 -1.48
CA PHE A 21 10.72 27.88 -0.61
C PHE A 21 12.13 28.31 -0.99
N ALA A 22 12.84 28.80 0.01
CA ALA A 22 14.20 29.29 -0.12
C ALA A 22 15.21 28.21 -0.48
N GLN A 23 15.09 27.06 0.18
CA GLN A 23 16.01 25.94 -0.03
C GLN A 23 15.56 24.96 -1.11
N PRO A 24 16.42 24.70 -2.10
CA PRO A 24 16.02 23.75 -3.15
C PRO A 24 15.82 22.37 -2.52
N VAL A 25 15.31 21.44 -3.31
CA VAL A 25 15.10 20.07 -2.86
C VAL A 25 15.98 19.24 -3.77
N ALA A 26 16.81 18.38 -3.18
CA ALA A 26 17.69 17.52 -3.97
C ALA A 26 16.90 16.27 -4.30
N VAL A 27 16.78 15.99 -5.58
CA VAL A 27 16.03 14.82 -6.06
C VAL A 27 16.90 13.78 -6.75
N PHE A 28 16.67 12.51 -6.41
CA PHE A 28 17.39 11.40 -7.00
C PHE A 28 16.34 10.42 -7.50
N LEU A 29 16.24 10.30 -8.82
CA LEU A 29 15.23 9.41 -9.40
C LEU A 29 15.85 8.13 -9.93
N GLY A 30 15.27 7.01 -9.55
CA GLY A 30 15.78 5.72 -10.02
C GLY A 30 17.04 5.18 -9.37
N VAL A 31 17.11 5.28 -8.05
CA VAL A 31 18.26 4.75 -7.34
C VAL A 31 18.00 3.28 -7.06
N PRO A 32 18.91 2.39 -7.48
CA PRO A 32 18.71 0.97 -7.24
C PRO A 32 18.95 0.58 -5.78
N PHE A 33 18.12 -0.31 -5.26
CA PHE A 33 18.30 -0.74 -3.88
C PHE A 33 18.51 -2.23 -3.89
N ALA A 34 18.56 -2.80 -5.09
CA ALA A 34 18.78 -4.23 -5.25
C ALA A 34 19.32 -4.52 -6.63
N LYS A 35 19.63 -5.80 -6.88
CA LYS A 35 20.13 -6.26 -8.18
C LYS A 35 18.88 -6.60 -9.04
N PRO A 36 18.90 -6.26 -10.34
CA PRO A 36 17.75 -6.55 -11.21
C PRO A 36 17.30 -8.01 -11.11
N PRO A 37 16.05 -8.23 -10.68
CA PRO A 37 15.44 -9.56 -10.51
C PRO A 37 15.17 -10.33 -11.81
N LEU A 38 16.23 -10.52 -12.61
CA LEU A 38 16.13 -11.22 -13.88
C LEU A 38 16.57 -12.68 -13.84
N GLY A 39 16.14 -13.45 -14.83
CA GLY A 39 16.51 -14.86 -14.92
C GLY A 39 16.27 -15.63 -13.64
N SER A 40 17.31 -16.31 -13.18
CA SER A 40 17.23 -17.11 -11.96
C SER A 40 16.76 -16.31 -10.75
N LEU A 41 16.80 -14.99 -10.82
CA LEU A 41 16.36 -14.19 -9.69
C LEU A 41 14.86 -13.92 -9.67
N ARG A 42 14.16 -14.31 -10.73
CA ARG A 42 12.72 -14.14 -10.79
C ARG A 42 12.13 -15.17 -9.82
N PHE A 43 11.16 -14.76 -9.02
CA PHE A 43 10.56 -15.65 -8.02
C PHE A 43 11.59 -16.01 -6.97
N ALA A 44 12.45 -15.06 -6.61
CA ALA A 44 13.47 -15.28 -5.59
C ALA A 44 13.59 -14.03 -4.76
N PRO A 45 14.20 -14.13 -3.57
CA PRO A 45 14.29 -12.87 -2.84
C PRO A 45 15.27 -11.89 -3.46
N PRO A 46 15.10 -10.60 -3.16
CA PRO A 46 15.99 -9.60 -3.72
C PRO A 46 17.43 -9.72 -3.22
N GLN A 47 18.36 -9.68 -4.17
CA GLN A 47 19.77 -9.76 -3.85
C GLN A 47 20.31 -8.34 -3.83
N PRO A 48 21.39 -8.10 -3.08
CA PRO A 48 21.96 -6.74 -3.03
C PRO A 48 22.41 -6.29 -4.41
N ALA A 49 22.55 -4.99 -4.61
CA ALA A 49 23.02 -4.46 -5.87
C ALA A 49 24.54 -4.55 -5.93
N GLU A 50 25.09 -4.85 -7.10
CA GLU A 50 26.54 -4.91 -7.27
C GLU A 50 26.98 -3.45 -7.16
N SER A 51 28.22 -3.24 -6.72
CA SER A 51 28.73 -1.88 -6.60
C SER A 51 29.05 -1.34 -7.98
N TRP A 52 29.16 -0.02 -8.09
CA TRP A 52 29.53 0.61 -9.36
C TRP A 52 30.64 1.60 -9.09
N SER A 53 31.49 1.81 -10.08
CA SER A 53 32.64 2.71 -9.95
C SER A 53 32.46 4.10 -10.54
N HIS A 54 31.51 4.24 -11.44
CA HIS A 54 31.24 5.53 -12.05
C HIS A 54 30.21 6.25 -11.19
N VAL A 55 29.94 7.51 -11.50
CA VAL A 55 28.91 8.30 -10.79
C VAL A 55 27.63 8.03 -11.59
N LYS A 56 26.64 7.42 -10.93
CA LYS A 56 25.36 7.04 -11.55
C LYS A 56 24.35 8.19 -11.67
N ASN A 57 23.96 8.50 -12.90
CA ASN A 57 22.97 9.55 -13.20
C ASN A 57 21.66 9.04 -12.62
N THR A 58 21.11 9.73 -11.63
CA THR A 58 19.83 9.36 -11.01
C THR A 58 18.91 10.57 -11.10
N THR A 59 18.64 11.01 -12.32
CA THR A 59 17.80 12.17 -12.56
C THR A 59 16.73 11.82 -13.60
N SER A 60 16.43 10.53 -13.71
CA SER A 60 15.45 10.04 -14.65
C SER A 60 14.55 9.00 -13.96
N TYR A 61 13.25 9.08 -14.19
CA TYR A 61 12.32 8.13 -13.57
C TYR A 61 12.61 6.70 -14.01
N PRO A 62 12.78 5.79 -13.03
CA PRO A 62 13.06 4.40 -13.38
C PRO A 62 11.81 3.75 -13.95
N PRO A 63 11.96 2.63 -14.67
CA PRO A 63 10.78 1.97 -15.22
C PRO A 63 9.97 1.41 -14.07
N MET A 64 8.71 1.06 -14.32
CA MET A 64 7.87 0.49 -13.29
C MET A 64 7.84 -1.02 -13.52
N CYS A 65 7.44 -1.78 -12.51
CA CYS A 65 7.43 -3.22 -12.63
C CYS A 65 6.40 -3.71 -13.63
N SER A 66 6.73 -4.81 -14.30
CA SER A 66 5.85 -5.39 -15.29
C SER A 66 4.44 -5.36 -14.73
N GLN A 67 3.49 -4.95 -15.56
CA GLN A 67 2.10 -4.87 -15.13
C GLN A 67 1.21 -4.58 -16.33
N ASP A 68 -0.08 -4.48 -16.06
CA ASP A 68 -1.03 -4.17 -17.10
C ASP A 68 -0.84 -2.69 -17.39
N ALA A 69 -0.18 -2.38 -18.50
CA ALA A 69 0.11 -0.99 -18.87
C ALA A 69 -1.15 -0.12 -19.06
N VAL A 70 -2.27 -0.72 -19.40
CA VAL A 70 -3.50 0.05 -19.59
C VAL A 70 -4.03 0.41 -18.22
N SER A 71 -4.10 -0.57 -17.34
CA SER A 71 -4.58 -0.36 -15.97
C SER A 71 -3.51 0.42 -15.21
N GLY A 72 -2.27 0.27 -15.66
CA GLY A 72 -1.15 0.95 -15.03
C GLY A 72 -1.09 2.43 -15.41
N HIS A 73 -1.30 2.70 -16.70
CA HIS A 73 -1.28 4.09 -17.20
C HIS A 73 -2.46 4.87 -16.64
N MET A 74 -3.60 4.21 -16.51
CA MET A 74 -4.80 4.85 -15.99
C MET A 74 -4.69 5.19 -14.50
N LEU A 75 -4.21 4.25 -13.71
CA LEU A 75 -4.07 4.47 -12.27
C LEU A 75 -3.02 5.56 -12.02
N SER A 76 -2.01 5.61 -12.89
CA SER A 76 -0.95 6.62 -12.76
C SER A 76 -1.47 8.03 -13.04
N GLU A 77 -2.39 8.14 -13.99
CA GLU A 77 -2.96 9.44 -14.37
C GLU A 77 -3.93 9.94 -13.30
N LEU A 78 -4.62 9.02 -12.64
CA LEU A 78 -5.60 9.33 -11.61
C LEU A 78 -5.02 9.52 -10.20
N PHE A 79 -3.72 9.28 -10.05
CA PHE A 79 -3.10 9.42 -8.73
C PHE A 79 -1.92 10.37 -8.66
N THR A 80 -1.37 10.74 -9.80
CA THR A 80 -0.24 11.67 -9.80
C THR A 80 -0.67 12.89 -9.01
N ASN A 81 0.20 13.38 -8.12
CA ASN A 81 -0.11 14.55 -7.33
C ASN A 81 0.59 15.77 -7.93
N ARG A 82 0.87 15.68 -9.23
CA ARG A 82 1.54 16.74 -9.97
C ARG A 82 0.69 17.10 -11.19
N LYS A 83 1.17 18.02 -12.00
CA LYS A 83 0.44 18.43 -13.19
C LYS A 83 0.88 17.64 -14.42
N GLU A 84 2.18 17.37 -14.53
CA GLU A 84 2.73 16.62 -15.65
C GLU A 84 2.40 15.14 -15.50
N ASN A 85 2.18 14.46 -16.62
CA ASN A 85 1.88 13.04 -16.58
C ASN A 85 3.03 12.26 -17.21
N ILE A 86 3.93 11.81 -16.36
CA ILE A 86 5.13 11.06 -16.72
C ILE A 86 4.97 9.97 -17.80
N PRO A 87 6.00 9.83 -18.67
CA PRO A 87 6.07 8.84 -19.76
C PRO A 87 6.54 7.47 -19.25
N LEU A 88 5.61 6.68 -18.72
CA LEU A 88 5.91 5.36 -18.16
C LEU A 88 6.66 4.38 -19.05
N LYS A 89 7.41 3.50 -18.40
CA LYS A 89 8.17 2.44 -19.04
C LYS A 89 8.04 1.31 -18.04
N PHE A 90 7.85 0.08 -18.53
CA PHE A 90 7.70 -1.06 -17.63
C PHE A 90 8.75 -2.11 -17.91
N SER A 91 9.23 -2.74 -16.84
CA SER A 91 10.28 -3.74 -16.94
C SER A 91 10.39 -4.55 -15.67
N GLU A 92 10.98 -5.73 -15.79
CA GLU A 92 11.19 -6.61 -14.65
C GLU A 92 12.34 -6.00 -13.83
N ASP A 93 13.06 -5.09 -14.47
CA ASP A 93 14.17 -4.36 -13.85
C ASP A 93 13.50 -3.11 -13.31
N CYS A 94 12.90 -3.24 -12.13
CA CYS A 94 12.17 -2.13 -11.54
C CYS A 94 12.46 -1.87 -10.07
N LEU A 95 13.48 -2.52 -9.52
CA LEU A 95 13.80 -2.33 -8.11
C LEU A 95 14.61 -1.05 -7.84
N TYR A 96 13.90 0.08 -7.85
CA TYR A 96 14.48 1.40 -7.61
C TYR A 96 13.59 2.19 -6.67
N LEU A 97 14.17 3.24 -6.09
CA LEU A 97 13.43 4.12 -5.21
C LEU A 97 13.81 5.53 -5.62
N ASN A 98 12.94 6.48 -5.31
CA ASN A 98 13.17 7.89 -5.63
C ASN A 98 13.37 8.60 -4.30
N ILE A 99 14.33 9.52 -4.25
CA ILE A 99 14.60 10.26 -3.02
C ILE A 99 14.40 11.77 -3.16
N TYR A 100 13.68 12.34 -2.20
CA TYR A 100 13.43 13.79 -2.16
C TYR A 100 13.91 14.32 -0.80
N THR A 101 15.00 15.06 -0.78
CA THR A 101 15.49 15.58 0.48
C THR A 101 15.68 17.09 0.51
N PRO A 102 15.13 17.76 1.53
CA PRO A 102 15.27 19.21 1.63
C PRO A 102 16.52 19.56 2.44
N ALA A 103 17.12 18.55 3.06
CA ALA A 103 18.31 18.76 3.86
C ALA A 103 19.40 19.42 3.03
N ASP A 104 20.33 20.05 3.73
CA ASP A 104 21.46 20.72 3.11
C ASP A 104 22.54 19.65 3.01
N LEU A 105 22.76 19.14 1.80
CA LEU A 105 23.73 18.07 1.57
C LEU A 105 25.15 18.40 2.00
N THR A 106 25.39 19.67 2.32
CA THR A 106 26.72 20.10 2.75
C THR A 106 26.89 19.87 4.26
N LYS A 107 25.77 19.65 4.95
CA LYS A 107 25.78 19.44 6.39
C LYS A 107 25.42 18.01 6.80
N ARG A 108 25.22 17.80 8.10
CA ARG A 108 24.89 16.49 8.65
C ARG A 108 23.39 16.43 8.94
N GLY A 109 22.59 16.26 7.90
CA GLY A 109 21.15 16.20 8.07
C GLY A 109 20.66 15.03 8.90
N ARG A 110 19.66 15.31 9.74
CA ARG A 110 19.07 14.32 10.60
C ARG A 110 17.55 14.48 10.53
N LEU A 111 17.05 14.64 9.30
CA LEU A 111 15.61 14.81 9.09
C LEU A 111 14.88 13.47 9.09
N PRO A 112 13.65 13.45 9.63
CA PRO A 112 12.89 12.20 9.65
C PRO A 112 12.63 11.71 8.22
N VAL A 113 12.61 10.40 8.05
CA VAL A 113 12.41 9.80 6.75
C VAL A 113 11.03 9.19 6.65
N MET A 114 10.38 9.47 5.52
CA MET A 114 9.05 8.93 5.27
C MET A 114 9.11 8.14 3.97
N VAL A 115 8.87 6.83 4.06
CA VAL A 115 8.88 5.99 2.88
C VAL A 115 7.46 5.62 2.47
N TRP A 116 7.11 6.06 1.27
CA TRP A 116 5.79 5.84 0.69
C TRP A 116 5.72 4.56 -0.12
N ILE A 117 4.72 3.73 0.18
CA ILE A 117 4.51 2.47 -0.53
C ILE A 117 3.22 2.56 -1.34
N HIS A 118 3.33 2.68 -2.65
CA HIS A 118 2.15 2.83 -3.50
C HIS A 118 1.15 1.67 -3.47
N GLY A 119 -0.10 1.98 -3.79
CA GLY A 119 -1.15 0.97 -3.80
C GLY A 119 -1.40 0.52 -5.23
N GLY A 120 -2.40 -0.32 -5.43
CA GLY A 120 -2.68 -0.79 -6.78
C GLY A 120 -2.88 -2.29 -6.84
N GLY A 121 -3.48 -2.84 -5.77
CA GLY A 121 -3.76 -4.26 -5.72
C GLY A 121 -2.58 -5.20 -5.86
N LEU A 122 -1.36 -4.67 -5.71
CA LEU A 122 -0.16 -5.48 -5.82
C LEU A 122 -0.04 -5.99 -7.24
N MET A 123 -0.89 -5.46 -8.13
CA MET A 123 -0.85 -5.85 -9.53
C MET A 123 -0.30 -4.71 -10.37
N VAL A 124 -0.61 -3.49 -9.98
CA VAL A 124 -0.13 -2.33 -10.74
C VAL A 124 0.32 -1.22 -9.82
N GLY A 125 0.89 -0.18 -10.40
CA GLY A 125 1.36 0.94 -9.61
C GLY A 125 2.84 1.17 -9.82
N GLY A 126 3.31 2.31 -9.32
CA GLY A 126 4.69 2.68 -9.44
C GLY A 126 4.99 3.80 -8.46
N ALA A 127 6.26 4.04 -8.18
CA ALA A 127 6.67 5.07 -7.23
C ALA A 127 6.73 6.45 -7.83
N SER A 128 6.97 6.50 -9.13
CA SER A 128 7.11 7.77 -9.83
C SER A 128 5.84 8.59 -9.97
N THR A 129 4.68 7.95 -9.99
CA THR A 129 3.45 8.70 -10.13
C THR A 129 3.21 9.52 -8.88
N TYR A 130 4.02 9.32 -7.85
CA TYR A 130 3.86 10.07 -6.62
C TYR A 130 5.03 11.02 -6.46
N ASP A 131 4.72 12.21 -5.98
CA ASP A 131 5.75 13.21 -5.84
C ASP A 131 5.91 13.75 -4.42
N GLY A 132 7.06 13.46 -3.82
CA GLY A 132 7.34 13.90 -2.47
C GLY A 132 7.99 15.26 -2.43
N LEU A 133 8.09 15.89 -3.61
CA LEU A 133 8.72 17.19 -3.72
C LEU A 133 7.99 18.26 -2.91
N ALA A 134 6.73 18.04 -2.60
CA ALA A 134 5.96 19.02 -1.82
C ALA A 134 5.97 18.69 -0.33
N LEU A 135 5.81 17.42 0.00
CA LEU A 135 5.79 17.00 1.38
C LEU A 135 7.15 17.25 2.00
N SER A 136 8.21 16.96 1.25
CA SER A 136 9.55 17.17 1.79
C SER A 136 9.82 18.66 1.98
N ALA A 137 9.38 19.47 1.02
CA ALA A 137 9.60 20.91 1.10
C ALA A 137 8.75 21.56 2.18
N HIS A 138 7.47 21.21 2.22
CA HIS A 138 6.54 21.77 3.20
C HIS A 138 6.78 21.37 4.64
N GLU A 139 7.12 20.11 4.88
CA GLU A 139 7.30 19.64 6.23
C GLU A 139 8.74 19.38 6.68
N ASN A 140 9.69 19.60 5.78
CA ASN A 140 11.09 19.42 6.13
C ASN A 140 11.41 17.97 6.51
N VAL A 141 11.09 17.04 5.61
CA VAL A 141 11.38 15.62 5.85
C VAL A 141 11.97 15.05 4.57
N VAL A 142 12.57 13.87 4.68
CA VAL A 142 13.13 13.21 3.51
C VAL A 142 12.05 12.24 3.08
N VAL A 143 11.70 12.29 1.80
CA VAL A 143 10.65 11.44 1.27
C VAL A 143 11.20 10.41 0.27
N VAL A 144 10.88 9.14 0.51
CA VAL A 144 11.36 8.07 -0.36
C VAL A 144 10.21 7.24 -0.93
N THR A 145 10.12 7.18 -2.25
CA THR A 145 9.08 6.38 -2.88
C THR A 145 9.73 5.09 -3.38
N ILE A 146 9.24 3.96 -2.92
CA ILE A 146 9.80 2.67 -3.32
C ILE A 146 8.94 1.87 -4.29
N GLN A 147 9.60 1.00 -5.05
CA GLN A 147 8.90 0.13 -5.99
C GLN A 147 9.10 -1.31 -5.55
N TYR A 148 8.17 -2.18 -5.93
CA TYR A 148 8.25 -3.58 -5.57
C TYR A 148 7.58 -4.42 -6.65
N ARG A 149 8.11 -5.63 -6.82
CA ARG A 149 7.59 -6.52 -7.83
C ARG A 149 6.09 -6.71 -7.65
N LEU A 150 5.39 -6.74 -8.79
CA LEU A 150 3.95 -6.86 -8.82
C LEU A 150 3.47 -8.10 -9.55
N GLY A 151 2.19 -8.41 -9.37
CA GLY A 151 1.59 -9.56 -10.01
C GLY A 151 2.29 -10.88 -9.77
N ILE A 152 2.41 -11.66 -10.84
CA ILE A 152 3.05 -12.96 -10.82
C ILE A 152 4.50 -12.83 -10.33
N TRP A 153 5.18 -11.82 -10.86
CA TRP A 153 6.57 -11.52 -10.54
C TRP A 153 6.75 -11.29 -9.04
N GLY A 154 5.77 -10.63 -8.44
CA GLY A 154 5.87 -10.32 -7.03
C GLY A 154 5.20 -11.24 -6.02
N PHE A 155 4.23 -12.04 -6.45
CA PHE A 155 3.52 -12.88 -5.51
C PHE A 155 3.20 -14.31 -5.89
N PHE A 156 3.86 -14.81 -6.92
CA PHE A 156 3.66 -16.18 -7.36
C PHE A 156 4.23 -17.12 -6.31
N SER A 157 3.37 -17.99 -5.78
CA SER A 157 3.74 -18.94 -4.75
C SER A 157 3.19 -20.34 -4.98
N THR A 158 4.02 -21.35 -4.71
CA THR A 158 3.64 -22.75 -4.83
C THR A 158 3.45 -23.31 -3.44
N GLY A 159 3.43 -22.44 -2.43
CA GLY A 159 3.23 -22.87 -1.07
C GLY A 159 4.33 -23.69 -0.41
N ASP A 160 5.55 -23.58 -0.90
CA ASP A 160 6.66 -24.33 -0.31
C ASP A 160 7.98 -23.67 -0.65
N GLU A 161 9.10 -24.33 -0.35
CA GLU A 161 10.43 -23.79 -0.57
C GLU A 161 10.86 -23.45 -1.99
N HIS A 162 10.24 -24.07 -2.98
CA HIS A 162 10.64 -23.79 -4.36
C HIS A 162 10.18 -22.43 -4.89
N SER A 163 9.24 -21.82 -4.18
CA SER A 163 8.71 -20.49 -4.51
C SER A 163 7.77 -20.08 -3.38
N ARG A 164 8.35 -19.71 -2.25
CA ARG A 164 7.58 -19.31 -1.07
C ARG A 164 6.52 -18.25 -1.33
N GLY A 165 6.88 -17.23 -2.10
CA GLY A 165 5.96 -16.14 -2.40
C GLY A 165 6.41 -14.86 -1.71
N ASN A 166 5.56 -13.85 -1.76
CA ASN A 166 5.80 -12.54 -1.13
C ASN A 166 7.07 -11.83 -1.60
N TRP A 167 7.46 -12.06 -2.85
CA TRP A 167 8.66 -11.41 -3.38
C TRP A 167 8.46 -9.91 -3.28
N GLY A 168 7.28 -9.45 -3.66
CA GLY A 168 6.96 -8.03 -3.61
C GLY A 168 7.21 -7.44 -2.23
N HIS A 169 6.82 -8.16 -1.19
CA HIS A 169 7.02 -7.70 0.18
C HIS A 169 8.49 -7.75 0.56
N LEU A 170 9.20 -8.76 0.07
CA LEU A 170 10.62 -8.88 0.36
C LEU A 170 11.37 -7.73 -0.30
N ASP A 171 10.79 -7.16 -1.35
CA ASP A 171 11.41 -6.02 -2.03
C ASP A 171 11.24 -4.74 -1.18
N GLN A 172 10.12 -4.67 -0.46
CA GLN A 172 9.84 -3.53 0.39
C GLN A 172 10.80 -3.59 1.58
N VAL A 173 10.98 -4.79 2.12
CA VAL A 173 11.90 -4.97 3.23
C VAL A 173 13.32 -4.54 2.80
N ALA A 174 13.72 -4.93 1.60
CA ALA A 174 15.05 -4.61 1.09
C ALA A 174 15.26 -3.11 0.92
N ALA A 175 14.22 -2.40 0.51
CA ALA A 175 14.32 -0.96 0.33
C ALA A 175 14.47 -0.34 1.71
N LEU A 176 13.75 -0.85 2.69
CA LEU A 176 13.86 -0.31 4.03
C LEU A 176 15.26 -0.54 4.58
N ARG A 177 15.86 -1.67 4.24
CA ARG A 177 17.21 -1.96 4.69
C ARG A 177 18.15 -0.98 4.00
N TRP A 178 17.89 -0.72 2.72
CA TRP A 178 18.71 0.20 1.94
C TRP A 178 18.68 1.59 2.56
N VAL A 179 17.49 2.01 2.98
CA VAL A 179 17.34 3.32 3.58
C VAL A 179 18.19 3.37 4.84
N GLN A 180 18.19 2.28 5.60
CA GLN A 180 18.97 2.22 6.84
C GLN A 180 20.47 2.48 6.59
N ASP A 181 21.04 1.78 5.61
CA ASP A 181 22.46 1.91 5.29
C ASP A 181 22.85 3.07 4.40
N ASN A 182 21.91 3.90 3.99
CA ASN A 182 22.25 4.98 3.07
C ASN A 182 21.59 6.33 3.25
N ILE A 183 20.39 6.35 3.79
CA ILE A 183 19.67 7.61 3.92
C ILE A 183 20.41 8.71 4.65
N ALA A 184 21.33 8.34 5.54
CA ALA A 184 22.08 9.36 6.27
C ALA A 184 22.82 10.25 5.29
N ASN A 185 23.33 9.65 4.22
CA ASN A 185 24.05 10.43 3.22
C ASN A 185 23.13 11.47 2.58
N PHE A 186 21.83 11.28 2.68
CA PHE A 186 20.91 12.24 2.09
C PHE A 186 20.28 13.16 3.12
N GLY A 187 20.88 13.22 4.30
CA GLY A 187 20.38 14.07 5.36
C GLY A 187 19.17 13.50 6.08
N GLY A 188 18.95 12.20 5.88
CA GLY A 188 17.84 11.52 6.51
C GLY A 188 18.33 10.82 7.77
N ASP A 189 17.43 10.59 8.71
CA ASP A 189 17.78 9.94 9.96
C ASP A 189 17.27 8.51 10.01
N PRO A 190 18.17 7.53 9.86
CA PRO A 190 17.71 6.14 9.90
C PRO A 190 17.06 5.78 11.24
N GLY A 191 17.21 6.66 12.22
CA GLY A 191 16.62 6.39 13.52
C GLY A 191 15.18 6.86 13.59
N SER A 192 14.69 7.45 12.50
CA SER A 192 13.32 7.92 12.46
C SER A 192 12.78 7.75 11.05
N VAL A 193 12.35 6.52 10.77
CA VAL A 193 11.80 6.19 9.48
C VAL A 193 10.34 5.85 9.69
N THR A 194 9.48 6.41 8.85
CA THR A 194 8.06 6.19 8.95
C THR A 194 7.61 5.56 7.65
N ILE A 195 6.91 4.43 7.73
CA ILE A 195 6.41 3.80 6.51
C ILE A 195 4.96 4.19 6.33
N PHE A 196 4.57 4.54 5.11
CA PHE A 196 3.18 4.90 4.88
C PHE A 196 2.73 4.65 3.45
N GLY A 197 1.43 4.39 3.28
CA GLY A 197 0.88 4.12 1.95
C GLY A 197 -0.61 3.88 2.04
N GLU A 198 -1.27 3.79 0.87
CA GLU A 198 -2.71 3.56 0.85
C GLU A 198 -3.10 2.38 -0.01
N SER A 199 -4.28 1.82 0.27
CA SER A 199 -4.77 0.66 -0.45
C SER A 199 -3.79 -0.49 -0.25
N ALA A 200 -3.35 -1.11 -1.35
CA ALA A 200 -2.40 -2.22 -1.27
C ALA A 200 -1.12 -1.77 -0.58
N GLY A 201 -0.87 -0.46 -0.57
CA GLY A 201 0.30 0.05 0.11
C GLY A 201 -0.04 0.05 1.58
N GLY A 202 -1.28 0.43 1.86
CA GLY A 202 -1.78 0.46 3.22
C GLY A 202 -1.64 -0.89 3.88
N GLN A 203 -2.07 -1.97 3.21
CA GLN A 203 -1.95 -3.30 3.81
C GLN A 203 -0.49 -3.78 3.86
N SER A 204 0.34 -3.30 2.93
CA SER A 204 1.74 -3.68 2.92
C SER A 204 2.43 -3.16 4.20
N VAL A 205 2.08 -1.94 4.59
CA VAL A 205 2.64 -1.33 5.79
C VAL A 205 2.19 -2.17 6.97
N SER A 206 0.93 -2.60 6.91
CA SER A 206 0.36 -3.42 7.96
C SER A 206 1.12 -4.75 8.03
N ILE A 207 1.29 -5.38 6.88
CA ILE A 207 2.01 -6.65 6.80
C ILE A 207 3.42 -6.50 7.35
N LEU A 208 4.12 -5.44 6.92
CA LEU A 208 5.48 -5.18 7.37
C LEU A 208 5.53 -4.94 8.88
N LEU A 209 4.51 -4.29 9.42
CA LEU A 209 4.47 -4.00 10.85
C LEU A 209 4.40 -5.29 11.66
N LEU A 210 3.79 -6.32 11.08
CA LEU A 210 3.60 -7.61 11.73
C LEU A 210 4.67 -8.65 11.41
N SER A 211 5.61 -8.30 10.54
CA SER A 211 6.65 -9.23 10.14
C SER A 211 7.87 -9.23 11.07
N PRO A 212 8.38 -10.43 11.40
CA PRO A 212 9.53 -10.63 12.26
C PRO A 212 10.83 -10.10 11.64
N LEU A 213 10.83 -9.89 10.33
CA LEU A 213 12.05 -9.42 9.68
C LEU A 213 12.22 -7.92 9.48
N THR A 214 11.31 -7.13 10.05
CA THR A 214 11.42 -5.68 9.91
C THR A 214 11.91 -4.98 11.18
N LYS A 215 12.36 -5.77 12.14
CA LYS A 215 12.86 -5.24 13.41
C LYS A 215 13.87 -4.13 13.14
N ASN A 216 13.56 -2.93 13.63
CA ASN A 216 14.41 -1.76 13.49
C ASN A 216 14.50 -1.14 12.11
N LEU A 217 13.67 -1.56 11.18
CA LEU A 217 13.71 -0.96 9.84
C LEU A 217 12.90 0.35 9.76
N PHE A 218 11.95 0.54 10.68
CA PHE A 218 11.17 1.78 10.69
C PHE A 218 10.67 2.01 12.12
N HIS A 219 10.06 3.16 12.38
CA HIS A 219 9.63 3.47 13.75
C HIS A 219 8.21 3.93 13.93
N ARG A 220 7.47 4.08 12.84
CA ARG A 220 6.08 4.51 12.88
C ARG A 220 5.48 4.02 11.58
N ALA A 221 4.17 3.86 11.54
CA ALA A 221 3.51 3.40 10.34
C ALA A 221 2.16 4.04 10.15
N ILE A 222 1.77 4.21 8.89
CA ILE A 222 0.51 4.80 8.53
C ILE A 222 -0.15 3.99 7.41
N SER A 223 -1.29 3.40 7.73
CA SER A 223 -2.03 2.63 6.76
C SER A 223 -3.24 3.47 6.38
N GLU A 224 -3.40 3.72 5.08
CA GLU A 224 -4.52 4.51 4.60
C GLU A 224 -5.43 3.68 3.71
N SER A 225 -6.62 3.38 4.21
CA SER A 225 -7.59 2.59 3.44
C SER A 225 -7.02 1.23 3.06
N GLY A 226 -6.47 0.53 4.04
CA GLY A 226 -5.92 -0.79 3.77
C GLY A 226 -5.11 -1.28 4.93
N VAL A 227 -5.41 -2.49 5.39
CA VAL A 227 -4.69 -3.07 6.52
C VAL A 227 -4.49 -4.55 6.29
N ALA A 228 -3.66 -5.16 7.12
CA ALA A 228 -3.35 -6.59 7.00
C ALA A 228 -4.58 -7.48 6.98
N LEU A 229 -5.73 -6.96 7.41
CA LEU A 229 -6.93 -7.80 7.43
C LEU A 229 -7.81 -7.78 6.19
N LEU A 230 -7.30 -7.26 5.08
CA LEU A 230 -8.07 -7.25 3.82
C LEU A 230 -8.10 -8.69 3.31
N SER A 231 -9.30 -9.24 3.18
CA SER A 231 -9.44 -10.62 2.73
C SER A 231 -9.10 -10.82 1.25
N SER A 232 -9.02 -9.71 0.51
CA SER A 232 -8.72 -9.79 -0.90
C SER A 232 -7.23 -9.91 -1.19
N LEU A 233 -6.39 -9.30 -0.34
CA LEU A 233 -4.95 -9.34 -0.56
C LEU A 233 -4.17 -10.37 0.24
N PHE A 234 -4.86 -11.28 0.91
CA PHE A 234 -4.19 -12.35 1.67
C PHE A 234 -4.95 -13.67 1.56
N ARG A 235 -4.19 -14.76 1.54
CA ARG A 235 -4.73 -16.11 1.45
C ARG A 235 -3.66 -17.03 2.01
N LYS A 236 -4.02 -17.90 2.95
CA LYS A 236 -3.05 -18.82 3.55
C LYS A 236 -2.22 -19.58 2.53
N ASN A 237 -2.84 -19.90 1.41
CA ASN A 237 -2.19 -20.66 0.36
C ASN A 237 -2.67 -20.24 -1.02
N THR A 238 -1.86 -20.51 -2.03
CA THR A 238 -2.22 -20.19 -3.41
C THR A 238 -1.62 -21.21 -4.38
N LYS A 239 -1.62 -22.48 -3.96
CA LYS A 239 -1.08 -23.55 -4.79
C LYS A 239 -1.92 -23.73 -6.06
N SER A 240 -3.23 -23.83 -5.89
CA SER A 240 -4.13 -24.00 -7.01
C SER A 240 -3.98 -22.85 -7.98
N LEU A 241 -3.75 -21.65 -7.42
CA LEU A 241 -3.57 -20.45 -8.23
C LEU A 241 -2.29 -20.64 -9.05
N ALA A 242 -1.22 -21.00 -8.36
CA ALA A 242 0.07 -21.21 -9.00
C ALA A 242 -0.07 -22.21 -10.10
N GLU A 243 -0.91 -23.22 -9.89
CA GLU A 243 -1.10 -24.23 -10.93
C GLU A 243 -1.86 -23.69 -12.15
N LYS A 244 -2.87 -22.86 -11.91
CA LYS A 244 -3.61 -22.29 -13.02
C LYS A 244 -2.67 -21.42 -13.83
N ILE A 245 -1.77 -20.72 -13.13
CA ILE A 245 -0.84 -19.84 -13.81
C ILE A 245 0.20 -20.63 -14.61
N ALA A 246 0.67 -21.73 -14.05
CA ALA A 246 1.66 -22.56 -14.73
C ALA A 246 1.06 -23.13 -16.02
N ILE A 247 -0.19 -23.57 -15.95
CA ILE A 247 -0.88 -24.13 -17.11
C ILE A 247 -1.16 -23.07 -18.18
N GLU A 248 -1.61 -21.89 -17.74
CA GLU A 248 -1.89 -20.84 -18.71
C GLU A 248 -0.63 -20.43 -19.47
N ALA A 249 0.52 -20.72 -18.89
CA ALA A 249 1.79 -20.39 -19.51
C ALA A 249 2.30 -21.53 -20.39
N GLY A 250 1.70 -22.71 -20.21
CA GLY A 250 2.12 -23.87 -20.99
C GLY A 250 3.19 -24.64 -20.26
N CYS A 251 3.11 -24.63 -18.94
CA CYS A 251 4.08 -25.32 -18.11
C CYS A 251 3.43 -26.53 -17.46
N LYS A 252 4.18 -27.60 -17.30
CA LYS A 252 3.61 -28.77 -16.66
C LYS A 252 3.46 -28.44 -15.17
N THR A 253 2.72 -29.27 -14.45
CA THR A 253 2.52 -29.02 -13.04
C THR A 253 2.94 -30.22 -12.22
N THR A 254 3.81 -31.05 -12.79
CA THR A 254 4.27 -32.25 -12.11
C THR A 254 4.76 -31.97 -10.69
N THR A 255 5.50 -30.87 -10.50
CA THR A 255 6.01 -30.52 -9.17
C THR A 255 6.14 -29.01 -9.03
N SER A 256 6.39 -28.55 -7.81
CA SER A 256 6.57 -27.12 -7.53
C SER A 256 7.83 -26.62 -8.23
N ALA A 257 8.90 -27.43 -8.16
CA ALA A 257 10.16 -27.08 -8.78
C ALA A 257 10.07 -27.05 -10.31
N VAL A 258 9.36 -28.02 -10.88
CA VAL A 258 9.23 -28.05 -12.33
C VAL A 258 8.45 -26.82 -12.78
N MET A 259 7.41 -26.46 -12.02
CA MET A 259 6.62 -25.29 -12.36
C MET A 259 7.48 -24.02 -12.40
N VAL A 260 8.12 -23.72 -11.27
CA VAL A 260 8.98 -22.53 -11.12
C VAL A 260 10.07 -22.50 -12.19
N HIS A 261 10.73 -23.62 -12.42
CA HIS A 261 11.79 -23.65 -13.42
C HIS A 261 11.30 -23.31 -14.82
N CYS A 262 10.13 -23.83 -15.18
CA CYS A 262 9.55 -23.57 -16.49
C CYS A 262 9.19 -22.09 -16.58
N LEU A 263 8.54 -21.57 -15.55
CA LEU A 263 8.15 -20.18 -15.56
C LEU A 263 9.35 -19.24 -15.65
N ARG A 264 10.45 -19.63 -15.02
CA ARG A 264 11.65 -18.80 -15.06
C ARG A 264 12.18 -18.75 -16.47
N GLN A 265 11.76 -19.71 -17.29
CA GLN A 265 12.20 -19.76 -18.67
C GLN A 265 11.36 -18.83 -19.53
N LYS A 266 10.16 -18.50 -19.08
CA LYS A 266 9.30 -17.63 -19.87
C LYS A 266 9.88 -16.25 -20.03
N THR A 267 9.31 -15.51 -20.96
CA THR A 267 9.72 -14.15 -21.29
C THR A 267 8.80 -13.18 -20.56
N GLU A 268 9.29 -11.99 -20.28
CA GLU A 268 8.45 -10.99 -19.62
C GLU A 268 7.16 -10.87 -20.44
N GLU A 269 7.31 -10.77 -21.76
CA GLU A 269 6.15 -10.66 -22.64
C GLU A 269 5.23 -11.85 -22.47
N GLU A 270 5.80 -13.06 -22.41
CA GLU A 270 4.98 -14.24 -22.25
C GLU A 270 4.24 -14.22 -20.92
N LEU A 271 4.91 -13.78 -19.86
CA LEU A 271 4.27 -13.73 -18.56
C LEU A 271 3.26 -12.60 -18.52
N MET A 272 3.55 -11.53 -19.25
CA MET A 272 2.64 -10.39 -19.31
C MET A 272 1.38 -10.93 -19.99
N GLU A 273 1.61 -11.81 -20.96
CA GLU A 273 0.57 -12.46 -21.74
C GLU A 273 -0.36 -13.27 -20.83
N VAL A 274 0.24 -14.06 -19.94
CA VAL A 274 -0.54 -14.86 -19.00
C VAL A 274 -1.33 -13.94 -18.07
N THR A 275 -0.67 -12.90 -17.58
CA THR A 275 -1.30 -11.95 -16.68
C THR A 275 -2.63 -11.45 -17.26
N LEU A 276 -2.58 -10.99 -18.51
CA LEU A 276 -3.79 -10.50 -19.18
C LEU A 276 -4.84 -11.60 -19.31
N LYS A 277 -4.44 -12.80 -19.72
CA LYS A 277 -5.39 -13.90 -19.86
C LYS A 277 -6.08 -14.22 -18.53
N MET A 278 -5.31 -14.25 -17.45
CA MET A 278 -5.85 -14.55 -16.13
C MET A 278 -6.90 -13.54 -15.73
N LYS A 279 -6.81 -12.33 -16.30
CA LYS A 279 -7.74 -11.26 -16.00
C LYS A 279 -7.88 -11.10 -14.48
N PHE A 280 -6.78 -10.71 -13.83
CA PHE A 280 -6.78 -10.56 -12.37
C PHE A 280 -7.65 -9.42 -11.85
N MET A 281 -7.28 -8.18 -12.16
CA MET A 281 -8.04 -7.02 -11.70
C MET A 281 -9.39 -6.91 -12.41
N ALA A 282 -10.39 -7.61 -11.89
CA ALA A 282 -11.74 -7.61 -12.47
C ALA A 282 -12.65 -8.64 -11.80
N LEU A 283 -13.89 -8.27 -11.56
CA LEU A 283 -14.85 -9.17 -10.94
C LEU A 283 -15.55 -10.04 -11.98
N ASP A 284 -15.58 -11.34 -11.75
CA ASP A 284 -16.22 -12.27 -12.68
C ASP A 284 -17.59 -12.67 -12.14
N LEU A 285 -18.64 -12.20 -12.82
CA LEU A 285 -20.01 -12.46 -12.41
C LEU A 285 -20.49 -13.87 -12.68
N VAL A 286 -20.48 -14.27 -13.95
CA VAL A 286 -20.93 -15.59 -14.36
C VAL A 286 -20.12 -16.74 -13.73
N GLY A 287 -20.84 -17.80 -13.36
CA GLY A 287 -20.20 -18.96 -12.76
C GLY A 287 -20.31 -18.98 -11.25
N ASP A 288 -19.41 -19.73 -10.61
CA ASP A 288 -19.39 -19.85 -9.16
C ASP A 288 -18.35 -18.91 -8.58
N PRO A 289 -18.77 -18.04 -7.66
CA PRO A 289 -17.91 -17.05 -7.01
C PRO A 289 -16.79 -17.63 -6.15
N LYS A 290 -16.69 -18.94 -6.09
CA LYS A 290 -15.65 -19.57 -5.27
C LYS A 290 -14.50 -20.19 -6.07
N GLU A 291 -14.63 -20.24 -7.38
CA GLU A 291 -13.58 -20.81 -8.20
C GLU A 291 -12.70 -19.73 -8.81
N ASN A 292 -13.11 -18.47 -8.65
CA ASN A 292 -12.35 -17.36 -9.20
C ASN A 292 -11.41 -16.75 -8.17
N THR A 293 -10.39 -17.51 -7.78
CA THR A 293 -9.39 -17.04 -6.81
C THR A 293 -8.26 -16.39 -7.58
N ALA A 294 -8.57 -15.90 -8.77
CA ALA A 294 -7.59 -15.24 -9.62
C ALA A 294 -7.10 -13.94 -9.00
N PHE A 295 -6.43 -14.05 -7.84
CA PHE A 295 -5.91 -12.87 -7.16
C PHE A 295 -4.58 -13.20 -6.48
N LEU A 296 -3.49 -12.76 -7.12
CA LEU A 296 -2.17 -12.99 -6.58
C LEU A 296 -2.18 -12.29 -5.24
N THR A 297 -1.52 -12.87 -4.24
CA THR A 297 -1.66 -12.26 -2.94
C THR A 297 -0.54 -12.53 -1.94
N THR A 298 -0.66 -11.92 -0.77
CA THR A 298 0.28 -12.12 0.31
C THR A 298 -0.06 -13.51 0.84
N VAL A 299 0.94 -14.26 1.29
CA VAL A 299 0.69 -15.61 1.81
C VAL A 299 1.59 -15.90 3.01
N ILE A 300 1.39 -17.07 3.62
CA ILE A 300 2.21 -17.47 4.75
C ILE A 300 3.43 -18.16 4.14
N ASP A 301 4.61 -17.60 4.34
CA ASP A 301 5.82 -18.18 3.77
C ASP A 301 6.83 -18.65 4.82
N GLY A 302 6.49 -18.48 6.09
CA GLY A 302 7.41 -18.91 7.13
C GLY A 302 8.62 -17.99 7.23
N VAL A 303 8.69 -16.98 6.37
CA VAL A 303 9.80 -16.04 6.40
C VAL A 303 9.32 -14.63 6.74
N LEU A 304 8.53 -14.04 5.86
CA LEU A 304 7.98 -12.71 6.10
C LEU A 304 6.87 -12.87 7.13
N LEU A 305 6.09 -13.92 6.95
CA LEU A 305 4.97 -14.23 7.82
C LEU A 305 5.02 -15.68 8.26
N PRO A 306 5.35 -15.93 9.52
CA PRO A 306 5.41 -17.29 10.06
C PRO A 306 4.03 -17.93 10.07
N LYS A 307 3.01 -17.10 10.37
CA LYS A 307 1.62 -17.56 10.42
C LYS A 307 0.74 -16.45 9.87
N ALA A 308 -0.56 -16.73 9.72
CA ALA A 308 -1.49 -15.74 9.18
C ALA A 308 -1.49 -14.45 10.00
N PRO A 309 -1.81 -13.31 9.36
CA PRO A 309 -1.85 -12.00 10.01
C PRO A 309 -2.81 -11.90 11.20
N ALA A 310 -4.01 -12.44 11.04
CA ALA A 310 -5.01 -12.40 12.10
C ALA A 310 -4.45 -12.93 13.42
N GLU A 311 -3.70 -14.02 13.34
CA GLU A 311 -3.10 -14.63 14.50
C GLU A 311 -1.92 -13.83 15.06
N ILE A 312 -0.97 -13.45 14.20
CA ILE A 312 0.17 -12.68 14.67
C ILE A 312 -0.37 -11.50 15.47
N LEU A 313 -1.42 -10.87 14.94
CA LEU A 313 -2.05 -9.74 15.60
C LEU A 313 -2.56 -10.15 16.96
N ALA A 314 -3.14 -11.35 17.02
CA ALA A 314 -3.68 -11.87 18.26
C ALA A 314 -2.61 -12.13 19.31
N GLU A 315 -1.46 -12.63 18.88
CA GLU A 315 -0.38 -12.93 19.81
C GLU A 315 0.18 -11.67 20.47
N LYS A 316 -0.10 -10.52 19.86
CA LYS A 316 0.36 -9.23 20.38
C LYS A 316 1.86 -9.11 20.60
N LYS A 317 2.64 -9.98 19.98
CA LYS A 317 4.09 -9.93 20.16
C LYS A 317 4.91 -9.51 18.95
N TYR A 318 4.36 -8.62 18.12
CA TYR A 318 5.09 -8.14 16.95
C TYR A 318 5.80 -6.82 17.23
N ASN A 319 6.06 -6.03 16.20
CA ASN A 319 6.73 -4.75 16.38
C ASN A 319 5.80 -3.69 16.95
N MET A 320 5.96 -3.39 18.23
CA MET A 320 5.12 -2.39 18.90
C MET A 320 5.64 -0.99 18.65
N LEU A 321 4.84 -0.19 17.93
CA LEU A 321 5.24 1.17 17.63
C LEU A 321 4.05 1.95 17.08
N PRO A 322 4.14 3.29 17.11
CA PRO A 322 3.07 4.15 16.61
C PRO A 322 2.49 3.70 15.29
N TYR A 323 1.17 3.54 15.26
CA TYR A 323 0.47 3.09 14.06
C TYR A 323 -0.79 3.91 13.87
N MET A 324 -0.86 4.60 12.73
CA MET A 324 -1.98 5.44 12.39
C MET A 324 -2.80 4.75 11.29
N VAL A 325 -4.01 4.32 11.62
CA VAL A 325 -4.87 3.64 10.64
C VAL A 325 -6.04 4.53 10.21
N GLY A 326 -6.19 4.78 8.91
CA GLY A 326 -7.27 5.63 8.46
C GLY A 326 -8.05 5.16 7.23
N ILE A 327 -9.23 5.74 7.03
CA ILE A 327 -10.08 5.37 5.90
C ILE A 327 -10.78 6.56 5.26
N ASN A 328 -11.31 6.34 4.05
CA ASN A 328 -12.07 7.34 3.30
C ASN A 328 -13.36 6.67 2.86
N GLN A 329 -14.52 7.15 3.31
CA GLN A 329 -15.80 6.54 2.94
C GLN A 329 -16.07 6.62 1.44
N GLN A 330 -15.31 5.86 0.69
CA GLN A 330 -15.42 5.83 -0.77
C GLN A 330 -14.54 4.71 -1.35
N GLU A 331 -14.98 4.12 -2.45
CA GLU A 331 -14.22 3.07 -3.11
C GLU A 331 -13.76 3.63 -4.44
N PHE A 332 -14.48 4.66 -4.90
CA PHE A 332 -14.19 5.35 -6.16
C PHE A 332 -12.88 4.95 -6.83
N LYS A 349 -26.94 2.60 -9.58
CA LYS A 349 -28.09 2.40 -8.68
C LYS A 349 -28.86 1.15 -9.09
N LEU A 350 -29.25 0.32 -8.11
CA LEU A 350 -30.01 -0.90 -8.40
C LEU A 350 -30.96 -1.33 -7.29
N ASP A 351 -31.62 -2.47 -7.46
CA ASP A 351 -32.57 -2.97 -6.47
C ASP A 351 -31.96 -3.99 -5.52
N GLN A 352 -32.75 -4.43 -4.55
CA GLN A 352 -32.30 -5.37 -3.54
C GLN A 352 -32.10 -6.83 -3.92
N LYS A 353 -32.42 -7.22 -5.15
CA LYS A 353 -32.24 -8.60 -5.56
C LYS A 353 -30.94 -8.69 -6.35
N THR A 354 -30.73 -7.68 -7.18
CA THR A 354 -29.55 -7.59 -8.02
C THR A 354 -28.32 -7.16 -7.22
N ALA A 355 -28.54 -6.28 -6.25
CA ALA A 355 -27.45 -5.80 -5.41
C ALA A 355 -26.97 -6.97 -4.55
N THR A 356 -27.93 -7.65 -3.93
CA THR A 356 -27.66 -8.80 -3.09
C THR A 356 -26.91 -9.85 -3.90
N GLU A 357 -27.09 -9.83 -5.22
CA GLU A 357 -26.40 -10.79 -6.07
C GLU A 357 -24.96 -10.37 -6.27
N LEU A 358 -24.75 -9.07 -6.54
CA LEU A 358 -23.42 -8.53 -6.75
C LEU A 358 -22.53 -8.83 -5.54
N LEU A 359 -23.15 -8.86 -4.37
CA LEU A 359 -22.44 -9.13 -3.13
C LEU A 359 -21.89 -10.55 -3.17
N TRP A 360 -22.73 -11.48 -3.62
CA TRP A 360 -22.34 -12.88 -3.72
C TRP A 360 -21.25 -13.04 -4.77
N LYS A 361 -21.40 -12.33 -5.88
CA LYS A 361 -20.42 -12.40 -6.96
C LYS A 361 -19.11 -11.78 -6.51
N SER A 362 -19.19 -10.83 -5.59
CA SER A 362 -18.01 -10.16 -5.06
C SER A 362 -17.41 -10.98 -3.93
N TYR A 363 -17.79 -12.26 -3.85
CA TYR A 363 -17.29 -13.14 -2.81
C TYR A 363 -15.78 -13.13 -2.68
N PRO A 364 -15.07 -13.44 -3.78
CA PRO A 364 -13.62 -13.43 -3.66
C PRO A 364 -13.09 -12.16 -3.00
N ILE A 365 -13.63 -11.02 -3.43
CA ILE A 365 -13.23 -9.71 -2.92
C ILE A 365 -13.67 -9.38 -1.50
N VAL A 366 -14.71 -10.06 -1.00
CA VAL A 366 -15.20 -9.76 0.34
C VAL A 366 -15.59 -10.97 1.20
N ASN A 367 -15.48 -12.16 0.64
CA ASN A 367 -15.82 -13.40 1.35
C ASN A 367 -17.04 -13.22 2.25
N VAL A 368 -18.22 -13.33 1.67
CA VAL A 368 -19.46 -13.23 2.43
C VAL A 368 -20.33 -14.38 1.92
N SER A 369 -20.40 -15.45 2.69
CA SER A 369 -21.18 -16.64 2.32
C SER A 369 -22.49 -16.23 1.68
N LYS A 370 -22.95 -17.01 0.70
CA LYS A 370 -24.20 -16.70 0.03
C LYS A 370 -25.32 -16.64 1.06
N GLU A 371 -25.26 -17.56 2.02
CA GLU A 371 -26.25 -17.62 3.09
C GLU A 371 -26.47 -16.22 3.67
N LEU A 372 -25.37 -15.60 4.09
CA LEU A 372 -25.40 -14.27 4.68
C LEU A 372 -25.82 -13.18 3.71
N THR A 373 -25.20 -13.19 2.53
CA THR A 373 -25.46 -12.23 1.45
C THR A 373 -26.73 -11.37 1.55
N PRO A 374 -27.92 -12.00 1.57
CA PRO A 374 -29.18 -11.22 1.66
C PRO A 374 -29.28 -10.38 2.94
N VAL A 375 -28.90 -10.99 4.07
CA VAL A 375 -28.94 -10.32 5.37
C VAL A 375 -28.26 -8.96 5.32
N ALA A 376 -26.97 -8.96 4.97
CA ALA A 376 -26.20 -7.71 4.89
C ALA A 376 -26.98 -6.68 4.09
N THR A 377 -27.46 -7.10 2.92
CA THR A 377 -28.22 -6.23 2.03
C THR A 377 -29.42 -5.64 2.78
N GLU A 378 -30.33 -6.52 3.22
CA GLU A 378 -31.52 -6.10 3.93
C GLU A 378 -31.19 -5.34 5.22
N LYS A 379 -29.90 -5.16 5.47
CA LYS A 379 -29.45 -4.44 6.65
C LYS A 379 -28.95 -3.08 6.20
N TYR A 380 -28.02 -3.08 5.25
CA TYR A 380 -27.48 -1.82 4.71
C TYR A 380 -28.45 -1.28 3.67
N LEU A 381 -28.70 -2.09 2.66
CA LEU A 381 -29.61 -1.72 1.59
C LEU A 381 -31.01 -2.06 2.08
N GLY A 382 -31.08 -2.39 3.37
CA GLY A 382 -32.33 -2.76 4.01
C GLY A 382 -33.59 -2.03 3.58
N GLY A 383 -34.71 -2.48 4.13
CA GLY A 383 -35.98 -1.88 3.81
C GLY A 383 -36.16 -0.46 4.33
N THR A 384 -35.14 0.37 4.15
CA THR A 384 -35.19 1.76 4.61
C THR A 384 -35.65 2.62 3.44
N ASP A 385 -34.72 2.92 2.54
CA ASP A 385 -35.05 3.73 1.37
C ASP A 385 -35.16 2.82 0.16
N ASP A 386 -36.39 2.48 -0.19
CA ASP A 386 -36.66 1.62 -1.34
C ASP A 386 -36.16 2.16 -2.67
N PRO A 387 -35.91 3.48 -2.77
CA PRO A 387 -35.44 4.01 -4.05
C PRO A 387 -34.18 3.30 -4.55
N VAL A 388 -33.93 3.44 -5.85
CA VAL A 388 -32.76 2.83 -6.48
C VAL A 388 -31.57 3.76 -6.35
N LYS A 389 -31.82 5.05 -6.52
CA LYS A 389 -30.79 6.07 -6.43
C LYS A 389 -30.09 5.99 -5.09
N LYS A 390 -30.84 5.61 -4.05
CA LYS A 390 -30.29 5.52 -2.70
C LYS A 390 -29.77 4.13 -2.36
N LYS A 391 -29.12 3.50 -3.33
CA LYS A 391 -28.53 2.20 -3.13
C LYS A 391 -27.02 2.38 -3.12
N ASP A 392 -26.60 3.61 -2.84
CA ASP A 392 -25.19 3.94 -2.76
C ASP A 392 -24.74 3.43 -1.39
N LEU A 393 -25.70 2.82 -0.69
CA LEU A 393 -25.46 2.23 0.63
C LEU A 393 -24.69 0.94 0.36
N PHE A 394 -24.95 0.36 -0.80
CA PHE A 394 -24.29 -0.86 -1.21
C PHE A 394 -22.80 -0.56 -1.22
N LEU A 395 -22.44 0.54 -1.87
CA LEU A 395 -21.05 0.96 -1.97
C LEU A 395 -20.47 1.33 -0.61
N ASP A 396 -21.34 1.57 0.36
CA ASP A 396 -20.86 1.91 1.70
C ASP A 396 -20.49 0.63 2.44
N MET A 397 -21.39 -0.36 2.40
CA MET A 397 -21.13 -1.63 3.08
C MET A 397 -19.96 -2.33 2.41
N LEU A 398 -19.88 -2.20 1.09
CA LEU A 398 -18.84 -2.81 0.30
C LEU A 398 -17.48 -2.24 0.72
N ALA A 399 -17.49 -1.02 1.23
CA ALA A 399 -16.27 -0.35 1.67
C ALA A 399 -15.95 -0.78 3.10
N ASP A 400 -16.97 -0.83 3.95
CA ASP A 400 -16.76 -1.24 5.32
C ASP A 400 -16.15 -2.63 5.30
N LEU A 401 -16.64 -3.47 4.40
CA LEU A 401 -16.14 -4.82 4.26
C LEU A 401 -14.67 -4.84 3.80
N LEU A 402 -14.35 -4.02 2.80
CA LEU A 402 -12.98 -3.97 2.27
C LEU A 402 -11.93 -3.38 3.21
N PHE A 403 -12.18 -2.20 3.75
CA PHE A 403 -11.21 -1.61 4.66
C PHE A 403 -11.78 -1.03 5.95
N GLY A 404 -12.96 -0.41 5.85
CA GLY A 404 -13.58 0.18 7.02
C GLY A 404 -13.59 -0.70 8.26
N VAL A 405 -14.28 -1.83 8.19
CA VAL A 405 -14.34 -2.73 9.32
C VAL A 405 -12.97 -3.26 9.74
N PRO A 406 -12.20 -3.81 8.78
CA PRO A 406 -10.87 -4.36 9.05
C PRO A 406 -9.94 -3.36 9.74
N SER A 407 -9.95 -2.12 9.24
CA SER A 407 -9.11 -1.07 9.80
C SER A 407 -9.33 -0.92 11.29
N VAL A 408 -10.59 -0.73 11.68
CA VAL A 408 -10.96 -0.59 13.08
C VAL A 408 -10.54 -1.83 13.83
N ASN A 409 -10.78 -2.99 13.24
CA ASN A 409 -10.39 -4.24 13.88
C ASN A 409 -8.88 -4.27 14.10
N VAL A 410 -8.13 -3.78 13.10
CA VAL A 410 -6.68 -3.74 13.19
C VAL A 410 -6.26 -2.76 14.28
N ALA A 411 -6.93 -1.61 14.30
CA ALA A 411 -6.66 -0.58 15.28
C ALA A 411 -6.91 -1.14 16.68
N ARG A 412 -8.14 -1.60 16.92
CA ARG A 412 -8.49 -2.18 18.21
C ARG A 412 -7.44 -3.19 18.65
N HIS A 413 -6.99 -4.03 17.72
CA HIS A 413 -5.97 -5.02 18.04
C HIS A 413 -4.69 -4.33 18.53
N HIS A 414 -4.22 -3.33 17.77
CA HIS A 414 -3.01 -2.61 18.11
C HIS A 414 -3.12 -1.94 19.47
N ARG A 415 -4.24 -1.23 19.66
CA ARG A 415 -4.50 -0.54 20.92
C ARG A 415 -4.51 -1.58 22.04
N ASP A 416 -5.32 -2.62 21.86
CA ASP A 416 -5.45 -3.69 22.83
C ASP A 416 -4.12 -4.36 23.17
N ALA A 417 -3.06 -3.98 22.46
CA ALA A 417 -1.75 -4.55 22.69
C ALA A 417 -0.86 -3.58 23.46
N GLY A 418 -1.31 -2.34 23.57
CA GLY A 418 -0.57 -1.32 24.29
C GLY A 418 0.34 -0.49 23.42
N ALA A 419 -0.04 -0.30 22.15
CA ALA A 419 0.78 0.48 21.23
C ALA A 419 0.06 1.78 20.85
N PRO A 420 0.81 2.87 20.71
CA PRO A 420 0.19 4.14 20.35
C PRO A 420 -0.62 3.97 19.07
N THR A 421 -1.93 4.17 19.15
CA THR A 421 -2.80 4.01 18.00
C THR A 421 -3.51 5.31 17.64
N TYR A 422 -3.94 5.43 16.38
CA TYR A 422 -4.64 6.62 15.91
C TYR A 422 -5.48 6.27 14.67
N MET A 423 -6.66 6.89 14.57
CA MET A 423 -7.52 6.65 13.42
C MET A 423 -8.02 7.95 12.83
N TYR A 424 -8.60 7.87 11.64
CA TYR A 424 -9.12 9.06 10.97
C TYR A 424 -9.99 8.70 9.79
N GLU A 425 -10.95 9.56 9.48
CA GLU A 425 -11.84 9.35 8.35
C GLU A 425 -11.79 10.58 7.45
N TYR A 426 -11.17 10.45 6.29
CA TYR A 426 -11.05 11.56 5.35
C TYR A 426 -12.32 11.69 4.52
N ARG A 427 -12.75 12.93 4.29
CA ARG A 427 -13.97 13.20 3.53
C ARG A 427 -13.83 14.39 2.59
N HIS A 445 -9.80 6.36 -1.16
CA HIS A 445 -8.92 5.83 -2.21
C HIS A 445 -8.35 6.89 -3.14
N GLY A 446 -7.14 7.35 -2.83
CA GLY A 446 -6.48 8.33 -3.68
C GLY A 446 -6.70 9.80 -3.42
N ASP A 447 -7.87 10.18 -2.94
CA ASP A 447 -8.13 11.59 -2.67
C ASP A 447 -7.27 12.15 -1.56
N GLU A 448 -7.12 11.40 -0.46
CA GLU A 448 -6.30 11.84 0.65
C GLU A 448 -4.89 12.07 0.11
N ILE A 449 -4.51 11.24 -0.87
CA ILE A 449 -3.19 11.34 -1.50
C ILE A 449 -2.96 12.72 -2.08
N PHE A 450 -4.01 13.30 -2.68
CA PHE A 450 -3.89 14.63 -3.24
C PHE A 450 -3.45 15.56 -2.12
N SER A 451 -3.89 15.28 -0.90
CA SER A 451 -3.53 16.10 0.24
C SER A 451 -2.24 15.66 0.92
N VAL A 452 -2.06 14.34 1.02
CA VAL A 452 -0.89 13.79 1.67
C VAL A 452 0.42 14.16 0.97
N LEU A 453 0.42 14.17 -0.35
CA LEU A 453 1.61 14.52 -1.10
C LEU A 453 1.57 15.94 -1.64
N GLY A 454 0.61 16.71 -1.15
CA GLY A 454 0.47 18.11 -1.54
C GLY A 454 0.27 18.41 -3.02
N ALA A 455 -0.75 17.82 -3.63
CA ALA A 455 -1.05 18.05 -5.03
C ALA A 455 -1.40 19.52 -5.29
N PRO A 456 -2.18 20.14 -4.38
CA PRO A 456 -2.63 21.53 -4.45
C PRO A 456 -1.57 22.60 -4.68
N PHE A 457 -0.32 22.19 -4.90
CA PHE A 457 0.76 23.15 -5.12
C PHE A 457 1.35 23.07 -6.51
N LEU A 458 1.96 21.94 -6.83
CA LEU A 458 2.56 21.73 -8.13
C LEU A 458 1.61 21.06 -9.12
N LYS A 459 0.32 21.39 -9.01
CA LYS A 459 -0.69 20.84 -9.90
C LYS A 459 -1.69 21.92 -10.33
N GLU A 460 -2.61 21.55 -11.21
CA GLU A 460 -3.65 22.43 -11.76
C GLU A 460 -3.93 23.70 -10.96
N GLY A 461 -4.02 23.58 -9.64
CA GLY A 461 -4.30 24.73 -8.81
C GLY A 461 -5.80 24.71 -8.56
N ALA A 462 -6.20 24.13 -7.43
CA ALA A 462 -7.61 24.03 -7.09
C ALA A 462 -8.03 24.93 -5.94
N THR A 463 -9.22 24.66 -5.42
CA THR A 463 -9.79 25.41 -4.32
C THR A 463 -8.73 25.77 -3.28
N GLU A 464 -8.57 27.08 -3.06
CA GLU A 464 -7.60 27.55 -2.08
C GLU A 464 -7.92 26.86 -0.77
N GLU A 465 -9.13 26.29 -0.70
CA GLU A 465 -9.61 25.59 0.48
C GLU A 465 -8.96 24.22 0.65
N GLU A 466 -8.86 23.46 -0.43
CA GLU A 466 -8.25 22.15 -0.35
C GLU A 466 -6.73 22.30 -0.26
N ILE A 467 -6.23 23.42 -0.78
CA ILE A 467 -4.79 23.69 -0.74
C ILE A 467 -4.32 23.78 0.71
N LYS A 468 -5.17 24.32 1.57
CA LYS A 468 -4.84 24.45 2.99
C LYS A 468 -5.11 23.10 3.65
N LEU A 469 -6.07 22.37 3.09
CA LEU A 469 -6.43 21.05 3.58
C LEU A 469 -5.22 20.15 3.44
N SER A 470 -4.51 20.33 2.33
CA SER A 470 -3.32 19.56 2.04
C SER A 470 -2.28 19.82 3.11
N LYS A 471 -1.95 21.10 3.30
CA LYS A 471 -0.97 21.50 4.30
C LYS A 471 -1.27 20.99 5.70
N MET A 472 -2.55 20.89 6.04
CA MET A 472 -2.95 20.41 7.35
C MET A 472 -2.68 18.92 7.49
N VAL A 473 -2.92 18.20 6.40
CA VAL A 473 -2.72 16.75 6.32
C VAL A 473 -1.24 16.42 6.47
N MET A 474 -0.42 16.96 5.57
CA MET A 474 1.01 16.72 5.59
C MET A 474 1.56 17.02 7.00
N LYS A 475 0.95 18.01 7.64
CA LYS A 475 1.32 18.43 8.99
C LYS A 475 1.14 17.31 10.01
N TYR A 476 0.01 16.63 9.96
CA TYR A 476 -0.26 15.54 10.88
C TYR A 476 0.67 14.37 10.62
N TRP A 477 0.77 14.00 9.34
CA TRP A 477 1.62 12.91 8.90
C TRP A 477 3.06 13.12 9.35
N ALA A 478 3.57 14.32 9.12
CA ALA A 478 4.94 14.69 9.50
C ALA A 478 5.16 14.78 11.03
N ASN A 479 4.23 15.39 11.75
CA ASN A 479 4.37 15.50 13.20
C ASN A 479 4.34 14.09 13.76
N PHE A 480 3.59 13.22 13.10
CA PHE A 480 3.49 11.84 13.52
C PHE A 480 4.83 11.22 13.17
N ALA A 481 5.37 11.63 12.03
CA ALA A 481 6.64 11.11 11.57
C ALA A 481 7.74 11.42 12.58
N ARG A 482 7.79 12.66 13.06
CA ARG A 482 8.84 13.00 14.01
C ARG A 482 8.51 12.70 15.46
N ASN A 483 7.24 12.63 15.82
CA ASN A 483 6.91 12.37 17.21
C ASN A 483 6.12 11.10 17.49
N GLY A 484 5.42 10.59 16.48
CA GLY A 484 4.61 9.40 16.72
C GLY A 484 3.29 9.89 17.28
N ASN A 485 3.12 11.21 17.20
CA ASN A 485 1.92 11.91 17.66
C ASN A 485 1.63 12.89 16.53
N PRO A 486 0.42 12.86 15.96
CA PRO A 486 0.09 13.80 14.87
C PRO A 486 -0.11 15.26 15.30
N ASN A 487 -0.32 15.46 16.59
CA ASN A 487 -0.58 16.79 17.13
C ASN A 487 0.51 17.83 17.00
N GLY A 488 0.07 19.07 16.84
CA GLY A 488 0.97 20.19 16.71
C GLY A 488 0.21 21.50 16.86
N GLU A 489 0.92 22.62 16.86
CA GLU A 489 0.27 23.91 16.99
C GLU A 489 -0.41 24.29 15.69
N GLY A 490 -1.58 24.90 15.78
CA GLY A 490 -2.31 25.30 14.60
C GLY A 490 -3.14 24.17 13.99
N LEU A 491 -3.24 23.06 14.71
CA LEU A 491 -4.00 21.92 14.21
C LEU A 491 -4.96 21.41 15.26
N PRO A 492 -6.23 21.24 14.88
CA PRO A 492 -7.25 20.75 15.81
C PRO A 492 -6.78 19.51 16.56
N GLN A 493 -7.27 19.34 17.77
CA GLN A 493 -6.88 18.21 18.60
C GLN A 493 -7.18 16.86 17.94
N TRP A 494 -6.23 15.93 18.05
CA TRP A 494 -6.38 14.60 17.48
C TRP A 494 -6.17 13.61 18.63
N PRO A 495 -7.28 13.13 19.23
CA PRO A 495 -7.30 12.18 20.35
C PRO A 495 -6.64 10.84 20.05
N ALA A 496 -5.91 10.32 21.03
CA ALA A 496 -5.28 9.02 20.85
C ALA A 496 -6.41 8.03 20.62
N TYR A 497 -6.11 6.87 20.03
CA TYR A 497 -7.16 5.88 19.82
C TYR A 497 -7.20 4.98 21.05
N ASP A 498 -7.79 5.50 22.12
CA ASP A 498 -7.95 4.78 23.36
C ASP A 498 -9.23 3.97 23.29
N TYR A 499 -9.90 3.78 24.41
CA TYR A 499 -11.12 3.01 24.40
C TYR A 499 -12.40 3.79 24.18
N LYS A 500 -12.24 5.08 23.89
CA LYS A 500 -13.37 5.94 23.60
C LYS A 500 -13.44 6.02 22.08
N GLU A 501 -12.52 5.30 21.44
CA GLU A 501 -12.40 5.23 19.99
C GLU A 501 -12.19 6.61 19.39
N GLY A 502 -11.42 7.44 20.09
CA GLY A 502 -11.17 8.77 19.58
C GLY A 502 -10.48 8.71 18.23
N TYR A 503 -11.03 9.43 17.26
CA TYR A 503 -10.45 9.47 15.93
C TYR A 503 -10.68 10.85 15.32
N LEU A 504 -9.85 11.24 14.37
CA LEU A 504 -10.00 12.55 13.75
C LEU A 504 -10.89 12.49 12.50
N GLN A 505 -11.65 13.56 12.30
CA GLN A 505 -12.57 13.68 11.18
C GLN A 505 -12.00 14.80 10.31
N ILE A 506 -11.47 14.44 9.14
CA ILE A 506 -10.88 15.43 8.25
C ILE A 506 -11.69 15.67 6.99
N GLY A 507 -11.83 16.95 6.63
CA GLY A 507 -12.57 17.34 5.45
C GLY A 507 -12.64 18.86 5.36
N ALA A 508 -13.70 19.39 4.75
CA ALA A 508 -13.86 20.84 4.65
C ALA A 508 -13.78 21.42 6.06
N THR A 509 -14.40 20.72 7.00
CA THR A 509 -14.41 21.11 8.41
C THR A 509 -13.78 19.95 9.18
N THR A 510 -12.64 20.19 9.79
CA THR A 510 -11.95 19.15 10.54
C THR A 510 -12.23 19.21 12.02
N GLN A 511 -12.76 18.12 12.57
CA GLN A 511 -13.09 18.03 13.99
C GLN A 511 -12.74 16.64 14.50
N ALA A 512 -12.92 16.42 15.80
CA ALA A 512 -12.65 15.12 16.39
C ALA A 512 -13.99 14.39 16.58
N ALA A 513 -13.93 13.06 16.68
CA ALA A 513 -15.15 12.25 16.87
C ALA A 513 -14.83 11.01 17.71
N GLN A 514 -15.70 10.01 17.65
CA GLN A 514 -15.50 8.79 18.43
C GLN A 514 -16.18 7.59 17.79
N LYS A 515 -15.82 6.40 18.29
CA LYS A 515 -16.40 5.15 17.79
C LYS A 515 -16.56 5.13 16.27
N LEU A 516 -15.44 4.94 15.58
CA LEU A 516 -15.48 4.90 14.13
C LEU A 516 -15.94 3.51 13.69
N LYS A 517 -16.97 3.47 12.85
CA LYS A 517 -17.51 2.22 12.34
C LYS A 517 -17.81 1.23 13.45
N ASP A 518 -18.21 1.72 14.62
CA ASP A 518 -18.51 0.82 15.72
C ASP A 518 -19.78 0.03 15.46
N LYS A 519 -20.80 0.69 14.93
CA LYS A 519 -22.06 0.02 14.64
C LYS A 519 -21.86 -1.00 13.53
N GLU A 520 -21.17 -0.59 12.46
CA GLU A 520 -20.92 -1.48 11.32
C GLU A 520 -20.11 -2.71 11.74
N VAL A 521 -19.07 -2.50 12.54
CA VAL A 521 -18.23 -3.61 13.00
C VAL A 521 -19.07 -4.59 13.80
N ALA A 522 -19.95 -4.04 14.64
CA ALA A 522 -20.81 -4.85 15.50
C ALA A 522 -21.70 -5.80 14.71
N PHE A 523 -22.37 -5.26 13.70
CA PHE A 523 -23.27 -6.05 12.85
C PHE A 523 -22.56 -7.20 12.14
N TRP A 524 -21.31 -6.98 11.74
CA TRP A 524 -20.55 -8.00 11.04
C TRP A 524 -19.91 -9.00 11.97
N THR A 525 -19.23 -8.51 13.01
CA THR A 525 -18.59 -9.42 13.94
C THR A 525 -19.64 -10.37 14.50
N GLU A 526 -20.89 -9.90 14.58
CA GLU A 526 -21.99 -10.72 15.09
C GLU A 526 -22.52 -11.65 14.01
N LEU A 527 -22.75 -11.09 12.83
CA LEU A 527 -23.27 -11.85 11.70
C LEU A 527 -22.37 -13.05 11.44
N TRP A 528 -21.07 -12.82 11.45
CA TRP A 528 -20.12 -13.90 11.21
C TRP A 528 -19.96 -14.75 12.46
N ALA A 529 -20.60 -14.33 13.54
CA ALA A 529 -20.54 -15.07 14.79
C ALA A 529 -21.59 -16.18 14.76
N LYS A 530 -22.78 -15.82 14.31
CA LYS A 530 -23.89 -16.77 14.23
C LYS A 530 -23.52 -18.05 13.48
N GLU A 531 -22.61 -17.95 12.52
CA GLU A 531 -22.20 -19.13 11.77
C GLU A 531 -20.86 -19.65 12.28
N ALA A 532 -20.58 -19.39 13.55
CA ALA A 532 -19.33 -19.83 14.17
C ALA A 532 -19.47 -21.28 14.63
N ALA A 533 -20.70 -21.75 14.72
CA ALA A 533 -21.00 -23.11 15.14
C ALA A 533 -22.33 -23.57 14.54
N ARG A 534 -22.59 -23.10 13.32
CA ARG A 534 -23.80 -23.41 12.57
C ARG A 534 -24.51 -24.67 13.10
#